data_3Q6W
#
_entry.id   3Q6W
#
_cell.length_a   42.895
_cell.length_b   64.091
_cell.length_c   111.107
_cell.angle_alpha   90.000
_cell.angle_beta   90.000
_cell.angle_gamma   90.000
#
_symmetry.space_group_name_H-M   'P 21 21 21'
#
loop_
_entity.id
_entity.type
_entity.pdbx_description
1 polymer 'Hepatocyte growth factor receptor'
2 non-polymer 3-{5-oxo-3-[1-(piperidin-4-yl)-1H-pyrazol-4-yl]-5H-benzo[4,5]cyclohepta[1,2-b]pyridin-7-yl}-N-(pyridin-2-ylmethyl)propanamide
3 water water
#
_entity_poly.entity_id   1
_entity_poly.type   'polypeptide(L)'
_entity_poly.pdbx_seq_one_letter_code
;QNTVHIDLSALNPELVQAVQHVVIGPSSLIVHFNEVIGRGHFGCVYHGTLLDNDGKKIHCAVKSLNRITDIGEVSQFLTE
GIIMKDFSHPNVLSLLGICLRSEGSPLVVLPYMKHGDLRNFIRNETHNPTVKDLIGFGLQVAKGMKYLASKKFVHRDLAA
RNCMLDEKFTVKVADFGLARDMYDKE(PTR)(PTR)SVHNKTGAKLPVKWMALESLQTQKFTTKSDVWSFGVLLWELMTR
GAPPYPDVNTFDITVYLLQGRRLLQPEYCPDPLYEVMLKCWHPKAEMRPSFSELVSRISAIFSTFIGEHHHHHHH
;
_entity_poly.pdbx_strand_id   A
#
loop_
_chem_comp.id
_chem_comp.type
_chem_comp.name
_chem_comp.formula
Q6W non-polymer 3-{5-oxo-3-[1-(piperidin-4-yl)-1H-pyrazol-4-yl]-5H-benzo[4,5]cyclohepta[1,2-b]pyridin-7-yl}-N-(pyridin-2-ylmethyl)propanamide 'C31 H30 N6 O2'
#
# COMPACT_ATOMS: atom_id res chain seq x y z
N THR A 3 25.85 -0.81 -12.44
CA THR A 3 26.64 -1.13 -13.62
C THR A 3 25.87 -2.08 -14.58
N VAL A 4 24.63 -2.46 -14.21
CA VAL A 4 23.84 -3.40 -15.03
C VAL A 4 23.42 -2.88 -16.39
N HIS A 5 23.30 -3.79 -17.37
CA HIS A 5 22.78 -3.48 -18.69
C HIS A 5 21.56 -4.37 -18.79
N ILE A 6 20.38 -3.77 -18.95
CA ILE A 6 19.15 -4.55 -19.06
C ILE A 6 18.82 -4.79 -20.52
N ASP A 7 18.61 -6.06 -20.88
CA ASP A 7 18.26 -6.39 -22.25
C ASP A 7 16.75 -6.31 -22.35
N LEU A 8 16.20 -5.20 -22.91
CA LEU A 8 14.75 -4.99 -23.05
C LEU A 8 14.07 -6.04 -23.93
N SER A 9 14.84 -6.63 -24.90
CA SER A 9 14.31 -7.68 -25.78
C SER A 9 13.94 -8.94 -24.98
N ALA A 10 14.39 -9.05 -23.71
CA ALA A 10 14.13 -10.20 -22.83
C ALA A 10 12.86 -9.98 -22.00
N LEU A 11 12.24 -8.79 -22.12
CA LEU A 11 11.02 -8.49 -21.36
C LEU A 11 9.78 -8.66 -22.24
N ASN A 12 8.63 -8.78 -21.60
CA ASN A 12 7.36 -8.90 -22.33
C ASN A 12 7.13 -7.60 -23.14
N PRO A 13 6.88 -7.68 -24.47
CA PRO A 13 6.69 -6.46 -25.28
C PRO A 13 5.64 -5.48 -24.80
N GLU A 14 4.54 -5.98 -24.21
CA GLU A 14 3.45 -5.14 -23.70
C GLU A 14 3.98 -4.33 -22.51
N LEU A 15 4.85 -4.95 -21.69
CA LEU A 15 5.47 -4.27 -20.54
C LEU A 15 6.40 -3.15 -21.03
N VAL A 16 7.30 -3.45 -22.00
CA VAL A 16 8.22 -2.43 -22.52
C VAL A 16 7.47 -1.22 -23.12
N GLN A 17 6.43 -1.45 -23.93
CA GLN A 17 5.62 -0.37 -24.56
C GLN A 17 5.02 0.49 -23.44
N ALA A 18 4.44 -0.16 -22.40
CA ALA A 18 3.84 0.55 -21.26
C ALA A 18 4.85 1.44 -20.59
N VAL A 19 6.10 0.93 -20.37
CA VAL A 19 7.19 1.69 -19.75
C VAL A 19 7.55 2.87 -20.63
N GLN A 20 7.71 2.63 -21.94
CA GLN A 20 8.04 3.69 -22.88
C GLN A 20 7.07 4.87 -22.78
N HIS A 21 5.77 4.60 -22.58
CA HIS A 21 4.71 5.63 -22.45
C HIS A 21 4.85 6.57 -21.24
N VAL A 22 5.39 6.05 -20.13
CA VAL A 22 5.54 6.84 -18.90
C VAL A 22 6.99 7.22 -18.66
N VAL A 23 7.82 7.16 -19.72
CA VAL A 23 9.23 7.47 -19.63
C VAL A 23 9.56 8.89 -19.18
N ILE A 24 10.62 9.00 -18.37
CA ILE A 24 11.19 10.23 -17.85
C ILE A 24 12.60 10.23 -18.41
N GLY A 25 12.97 11.34 -19.07
CA GLY A 25 14.29 11.51 -19.67
C GLY A 25 15.35 11.47 -18.59
N PRO A 26 16.46 10.73 -18.80
CA PRO A 26 17.52 10.66 -17.77
C PRO A 26 18.07 12.01 -17.28
N SER A 27 18.07 13.04 -18.16
CA SER A 27 18.55 14.38 -17.83
C SER A 27 17.60 15.18 -16.93
N SER A 28 16.31 14.79 -16.87
CA SER A 28 15.26 15.44 -16.10
C SER A 28 15.14 14.97 -14.64
N LEU A 29 15.96 14.01 -14.23
CA LEU A 29 15.91 13.48 -12.87
C LEU A 29 17.23 13.46 -12.17
N ILE A 30 17.25 13.95 -10.92
CA ILE A 30 18.42 13.89 -10.06
C ILE A 30 18.02 12.97 -8.92
N VAL A 31 18.67 11.84 -8.81
CA VAL A 31 18.39 10.92 -7.71
C VAL A 31 19.34 11.29 -6.58
N HIS A 32 18.78 11.72 -5.43
CA HIS A 32 19.62 12.07 -4.27
C HIS A 32 19.99 10.73 -3.64
N PHE A 33 20.92 9.98 -4.27
CA PHE A 33 21.31 8.65 -3.82
C PHE A 33 22.01 8.59 -2.45
N ASN A 34 22.35 9.78 -1.87
CA ASN A 34 22.97 9.84 -0.53
C ASN A 34 21.85 10.14 0.51
N GLU A 35 20.55 10.19 0.06
CA GLU A 35 19.40 10.48 0.93
C GLU A 35 18.28 9.42 0.85
N VAL A 36 18.42 8.31 1.60
CA VAL A 36 17.44 7.20 1.66
C VAL A 36 16.18 7.67 2.43
N ILE A 37 14.97 7.37 1.91
CA ILE A 37 13.69 7.76 2.54
C ILE A 37 12.70 6.62 2.79
N GLY A 38 13.00 5.43 2.29
CA GLY A 38 12.11 4.28 2.50
C GLY A 38 12.64 3.02 1.90
N ARG A 39 11.84 1.94 1.99
CA ARG A 39 12.18 0.65 1.38
C ARG A 39 10.98 -0.12 0.86
N GLY A 40 10.99 -0.42 -0.44
CA GLY A 40 9.94 -1.21 -1.05
C GLY A 40 10.35 -2.68 -1.06
N HIS A 41 9.59 -3.49 -1.76
CA HIS A 41 9.83 -4.91 -1.90
C HIS A 41 11.05 -5.25 -2.79
N PHE A 42 11.47 -4.32 -3.63
CA PHE A 42 12.59 -4.52 -4.55
C PHE A 42 13.88 -3.72 -4.30
N GLY A 43 13.83 -2.73 -3.43
CA GLY A 43 15.02 -1.94 -3.15
C GLY A 43 14.71 -0.74 -2.29
N CYS A 44 15.64 0.18 -2.20
CA CYS A 44 15.44 1.37 -1.38
C CYS A 44 14.73 2.49 -2.12
N VAL A 45 14.30 3.51 -1.39
CA VAL A 45 13.61 4.67 -1.99
C VAL A 45 14.44 5.87 -1.57
N TYR A 46 14.66 6.82 -2.49
CA TYR A 46 15.47 8.02 -2.25
C TYR A 46 14.73 9.31 -2.55
N HIS A 47 15.21 10.44 -2.01
CA HIS A 47 14.67 11.76 -2.39
C HIS A 47 15.11 11.92 -3.85
N GLY A 48 14.35 12.66 -4.62
CA GLY A 48 14.66 12.96 -6.00
C GLY A 48 14.20 14.35 -6.36
N THR A 49 14.76 14.91 -7.44
CA THR A 49 14.33 16.21 -7.95
C THR A 49 14.01 15.92 -9.42
N LEU A 50 12.75 16.18 -9.82
CA LEU A 50 12.23 15.99 -11.18
C LEU A 50 12.02 17.34 -11.86
N LEU A 51 12.61 17.53 -13.06
CA LEU A 51 12.43 18.75 -13.82
C LEU A 51 11.25 18.49 -14.76
N ASP A 52 10.13 19.21 -14.56
CA ASP A 52 8.93 19.03 -15.36
C ASP A 52 8.93 19.67 -16.77
N ASN A 53 7.83 19.43 -17.53
CA ASN A 53 7.56 19.90 -18.89
C ASN A 53 7.58 21.43 -19.00
N ASP A 54 7.26 22.13 -17.88
CA ASP A 54 7.25 23.59 -17.78
C ASP A 54 8.55 24.16 -17.16
N GLY A 55 9.50 23.27 -16.84
CA GLY A 55 10.80 23.62 -16.27
C GLY A 55 10.86 23.79 -14.76
N LYS A 56 9.77 23.47 -14.04
CA LYS A 56 9.73 23.60 -12.59
C LYS A 56 10.31 22.36 -11.89
N LYS A 57 10.97 22.56 -10.74
CA LYS A 57 11.55 21.46 -9.97
C LYS A 57 10.47 20.83 -9.10
N ILE A 58 10.34 19.50 -9.19
CA ILE A 58 9.35 18.77 -8.44
C ILE A 58 10.06 17.80 -7.50
N HIS A 59 9.72 17.87 -6.19
CA HIS A 59 10.31 16.97 -5.21
C HIS A 59 9.60 15.62 -5.41
N CYS A 60 10.39 14.54 -5.49
CA CYS A 60 9.82 13.22 -5.69
C CYS A 60 10.51 12.17 -4.84
N ALA A 61 9.95 10.96 -4.86
CA ALA A 61 10.48 9.79 -4.17
C ALA A 61 10.88 8.83 -5.33
N VAL A 62 12.09 8.28 -5.29
CA VAL A 62 12.57 7.42 -6.37
C VAL A 62 12.90 6.03 -5.89
N LYS A 63 12.20 5.02 -6.44
CA LYS A 63 12.42 3.62 -6.12
C LYS A 63 13.45 3.05 -7.08
N SER A 64 14.41 2.29 -6.55
CA SER A 64 15.45 1.65 -7.36
C SER A 64 15.51 0.17 -6.98
N LEU A 65 16.11 -0.64 -7.84
CA LEU A 65 16.27 -2.06 -7.60
C LEU A 65 17.60 -2.20 -6.88
N ASN A 66 17.62 -2.99 -5.81
CA ASN A 66 18.82 -3.23 -5.02
C ASN A 66 19.47 -4.44 -5.64
N ARG A 67 20.76 -4.30 -6.03
CA ARG A 67 21.61 -5.34 -6.66
C ARG A 67 20.85 -6.37 -7.50
N ILE A 68 20.76 -6.06 -8.79
CA ILE A 68 20.02 -6.85 -9.76
C ILE A 68 20.80 -8.07 -10.31
N THR A 69 20.16 -9.24 -10.26
CA THR A 69 20.75 -10.48 -10.74
C THR A 69 20.06 -11.07 -11.95
N ASP A 70 18.70 -10.97 -12.02
CA ASP A 70 17.93 -11.58 -13.10
C ASP A 70 16.83 -10.72 -13.72
N ILE A 71 16.45 -11.04 -14.94
CA ILE A 71 15.42 -10.35 -15.70
C ILE A 71 14.02 -10.36 -15.04
N GLY A 72 13.67 -11.47 -14.36
CA GLY A 72 12.40 -11.63 -13.66
C GLY A 72 12.17 -10.56 -12.60
N GLU A 73 13.23 -10.19 -11.88
CA GLU A 73 13.18 -9.14 -10.85
C GLU A 73 12.94 -7.77 -11.50
N VAL A 74 13.61 -7.49 -12.63
CA VAL A 74 13.42 -6.25 -13.37
C VAL A 74 11.94 -6.17 -13.81
N SER A 75 11.41 -7.26 -14.37
CA SER A 75 10.03 -7.33 -14.85
C SER A 75 9.02 -7.04 -13.71
N GLN A 76 9.20 -7.66 -12.54
CA GLN A 76 8.31 -7.43 -11.38
C GLN A 76 8.40 -5.96 -10.92
N PHE A 77 9.63 -5.43 -10.85
CA PHE A 77 9.86 -4.04 -10.41
C PHE A 77 9.19 -3.07 -11.37
N LEU A 78 9.36 -3.27 -12.70
CA LEU A 78 8.72 -2.39 -13.67
C LEU A 78 7.21 -2.47 -13.54
N THR A 79 6.66 -3.68 -13.36
CA THR A 79 5.22 -3.88 -13.19
C THR A 79 4.69 -3.11 -11.94
N GLU A 80 5.49 -3.00 -10.83
CA GLU A 80 5.08 -2.24 -9.61
C GLU A 80 4.91 -0.73 -9.89
N GLY A 81 5.47 -0.27 -11.01
CA GLY A 81 5.33 1.11 -11.47
C GLY A 81 4.20 1.20 -12.48
N ILE A 82 4.21 0.29 -13.49
CA ILE A 82 3.18 0.25 -14.55
C ILE A 82 1.75 0.02 -14.04
N ILE A 83 1.58 -0.83 -12.99
CA ILE A 83 0.25 -1.08 -12.38
C ILE A 83 -0.37 0.24 -11.86
N MET A 84 0.49 1.18 -11.46
CA MET A 84 0.05 2.48 -10.92
C MET A 84 -0.23 3.54 -11.99
N LYS A 85 0.13 3.29 -13.27
CA LYS A 85 -0.02 4.31 -14.33
C LYS A 85 -1.37 5.01 -14.49
N ASP A 86 -2.47 4.31 -14.31
CA ASP A 86 -3.77 4.98 -14.50
C ASP A 86 -4.48 5.35 -13.20
N PHE A 87 -3.78 5.20 -12.05
CA PHE A 87 -4.38 5.56 -10.77
C PHE A 87 -4.69 7.04 -10.67
N SER A 88 -5.95 7.37 -10.42
CA SER A 88 -6.34 8.76 -10.26
C SER A 88 -7.40 8.78 -9.17
N HIS A 89 -6.94 8.84 -7.92
CA HIS A 89 -7.81 8.85 -6.73
C HIS A 89 -7.06 9.57 -5.60
N PRO A 90 -7.73 10.45 -4.83
CA PRO A 90 -7.01 11.19 -3.78
C PRO A 90 -6.35 10.29 -2.72
N ASN A 91 -6.86 9.06 -2.57
CA ASN A 91 -6.31 8.14 -1.55
C ASN A 91 -5.47 7.00 -2.10
N VAL A 92 -4.94 7.22 -3.29
CA VAL A 92 -4.09 6.28 -3.98
C VAL A 92 -2.89 7.06 -4.55
N LEU A 93 -1.66 6.61 -4.28
CA LEU A 93 -0.49 7.33 -4.81
C LEU A 93 -0.40 7.16 -6.33
N SER A 94 -0.14 8.26 -7.05
CA SER A 94 0.00 8.27 -8.52
C SER A 94 1.42 7.95 -8.93
N LEU A 95 1.62 7.64 -10.24
CA LEU A 95 2.96 7.40 -10.79
C LEU A 95 3.43 8.69 -11.51
N LEU A 96 4.66 9.18 -11.25
CA LEU A 96 5.16 10.35 -12.00
C LEU A 96 5.82 9.86 -13.30
N GLY A 97 6.44 8.68 -13.26
CA GLY A 97 7.06 8.11 -14.46
C GLY A 97 8.13 7.09 -14.14
N ILE A 98 8.76 6.58 -15.19
CA ILE A 98 9.83 5.62 -15.00
C ILE A 98 11.05 6.11 -15.77
N CYS A 99 12.22 6.12 -15.12
CA CYS A 99 13.45 6.53 -15.77
C CYS A 99 14.31 5.30 -16.04
N LEU A 100 14.66 5.09 -17.31
CA LEU A 100 15.46 3.92 -17.66
C LEU A 100 16.63 4.45 -18.47
N ARG A 101 17.80 4.57 -17.83
CA ARG A 101 19.01 5.09 -18.46
C ARG A 101 19.68 3.98 -19.26
N SER A 102 20.75 4.33 -20.03
CA SER A 102 21.49 3.36 -20.86
C SER A 102 22.04 2.21 -20.01
N GLU A 103 22.44 2.51 -18.75
CA GLU A 103 22.94 1.52 -17.78
C GLU A 103 22.30 1.77 -16.41
N GLY A 104 22.35 0.77 -15.54
CA GLY A 104 21.83 0.81 -14.18
C GLY A 104 20.38 0.42 -14.00
N SER A 105 19.95 0.39 -12.75
CA SER A 105 18.59 0.04 -12.43
C SER A 105 17.55 0.99 -13.04
N PRO A 106 16.36 0.49 -13.45
CA PRO A 106 15.30 1.43 -13.86
C PRO A 106 14.89 2.15 -12.57
N LEU A 107 14.27 3.32 -12.70
CA LEU A 107 13.87 4.11 -11.53
C LEU A 107 12.39 4.44 -11.62
N VAL A 108 11.61 4.06 -10.58
CA VAL A 108 10.15 4.32 -10.53
C VAL A 108 9.99 5.60 -9.70
N VAL A 109 9.46 6.68 -10.33
CA VAL A 109 9.35 8.01 -9.75
C VAL A 109 7.94 8.30 -9.28
N LEU A 110 7.83 8.63 -8.00
CA LEU A 110 6.56 8.87 -7.35
C LEU A 110 6.53 10.25 -6.70
N PRO A 111 5.35 10.80 -6.42
CA PRO A 111 5.30 12.08 -5.69
C PRO A 111 5.82 11.90 -4.25
N TYR A 112 6.51 12.94 -3.77
CA TYR A 112 7.03 12.96 -2.42
C TYR A 112 5.85 13.20 -1.45
N MET A 113 5.77 12.38 -0.41
CA MET A 113 4.70 12.50 0.58
C MET A 113 5.32 13.07 1.84
N LYS A 114 5.08 14.38 2.08
CA LYS A 114 5.68 15.16 3.15
C LYS A 114 5.88 14.46 4.47
N HIS A 115 4.77 13.90 5.02
CA HIS A 115 4.83 13.26 6.34
C HIS A 115 5.29 11.83 6.45
N GLY A 116 5.60 11.21 5.31
CA GLY A 116 6.09 9.85 5.35
C GLY A 116 5.01 8.80 5.59
N ASP A 117 5.45 7.61 6.02
CA ASP A 117 4.53 6.50 6.19
C ASP A 117 3.57 6.64 7.35
N LEU A 118 2.38 6.05 7.15
CA LEU A 118 1.31 6.12 8.14
C LEU A 118 1.69 5.46 9.49
N ARG A 119 2.37 4.30 9.45
CA ARG A 119 2.75 3.64 10.70
C ARG A 119 3.64 4.56 11.55
N ASN A 120 4.76 5.05 10.95
CA ASN A 120 5.66 5.91 11.73
C ASN A 120 4.98 7.17 12.23
N PHE A 121 4.11 7.79 11.39
CA PHE A 121 3.36 8.99 11.74
C PHE A 121 2.52 8.77 13.02
N ILE A 122 1.76 7.66 13.10
CA ILE A 122 0.90 7.43 14.27
C ILE A 122 1.66 7.01 15.53
N ARG A 123 2.86 6.44 15.35
CA ARG A 123 3.74 5.98 16.42
C ARG A 123 4.47 7.16 17.10
N ASN A 124 4.59 8.30 16.41
CA ASN A 124 5.27 9.49 16.91
C ASN A 124 4.47 10.11 18.07
N GLU A 125 5.00 9.99 19.32
CA GLU A 125 4.40 10.48 20.57
C GLU A 125 4.00 11.96 20.57
N THR A 126 4.70 12.77 19.76
CA THR A 126 4.46 14.21 19.60
C THR A 126 3.28 14.48 18.66
N HIS A 127 3.17 13.72 17.52
CA HIS A 127 2.10 13.87 16.51
C HIS A 127 0.75 13.60 17.14
N ASN A 128 0.74 12.63 18.05
CA ASN A 128 -0.37 12.18 18.89
C ASN A 128 -1.74 12.38 18.24
N PRO A 129 -2.04 11.66 17.12
CA PRO A 129 -3.35 11.83 16.49
C PRO A 129 -4.45 11.42 17.46
N THR A 130 -5.58 12.10 17.41
CA THR A 130 -6.68 11.77 18.31
C THR A 130 -7.41 10.52 17.82
N VAL A 131 -8.35 10.00 18.62
CA VAL A 131 -9.14 8.83 18.18
C VAL A 131 -9.87 9.17 16.88
N LYS A 132 -10.57 10.32 16.83
CA LYS A 132 -11.26 10.73 15.61
C LYS A 132 -10.29 10.88 14.41
N ASP A 133 -9.06 11.42 14.63
CA ASP A 133 -8.06 11.56 13.54
C ASP A 133 -7.76 10.20 12.95
N LEU A 134 -7.58 9.19 13.80
CA LEU A 134 -7.26 7.80 13.45
C LEU A 134 -8.42 7.16 12.66
N ILE A 135 -9.68 7.40 13.11
CA ILE A 135 -10.82 6.86 12.37
C ILE A 135 -10.85 7.49 10.95
N GLY A 136 -10.57 8.80 10.87
CA GLY A 136 -10.53 9.52 9.60
C GLY A 136 -9.50 8.96 8.64
N PHE A 137 -8.31 8.58 9.18
CA PHE A 137 -7.25 7.96 8.36
C PHE A 137 -7.77 6.62 7.84
N GLY A 138 -8.44 5.86 8.69
CA GLY A 138 -9.03 4.56 8.32
C GLY A 138 -10.04 4.71 7.19
N LEU A 139 -10.89 5.76 7.27
CA LEU A 139 -11.89 6.07 6.23
C LEU A 139 -11.20 6.38 4.90
N GLN A 140 -10.10 7.14 4.95
CA GLN A 140 -9.37 7.50 3.73
C GLN A 140 -8.80 6.28 3.06
N VAL A 141 -8.19 5.37 3.84
CA VAL A 141 -7.64 4.11 3.29
C VAL A 141 -8.82 3.30 2.68
N ALA A 142 -9.98 3.27 3.37
CA ALA A 142 -11.14 2.53 2.85
C ALA A 142 -11.57 3.05 1.47
N LYS A 143 -11.56 4.38 1.29
CA LYS A 143 -11.93 5.01 0.00
C LYS A 143 -10.90 4.68 -1.08
N GLY A 144 -9.61 4.62 -0.73
CA GLY A 144 -8.58 4.25 -1.69
C GLY A 144 -8.77 2.80 -2.11
N MET A 145 -9.09 1.91 -1.13
CA MET A 145 -9.29 0.50 -1.44
C MET A 145 -10.57 0.26 -2.23
N LYS A 146 -11.62 1.05 -1.97
CA LYS A 146 -12.89 0.95 -2.72
C LYS A 146 -12.57 1.21 -4.22
N TYR A 147 -11.76 2.24 -4.49
CA TYR A 147 -11.31 2.61 -5.84
C TYR A 147 -10.48 1.48 -6.46
N LEU A 148 -9.45 1.00 -5.74
CA LEU A 148 -8.62 -0.08 -6.24
C LEU A 148 -9.41 -1.33 -6.59
N ALA A 149 -10.35 -1.72 -5.70
CA ALA A 149 -11.24 -2.88 -5.88
C ALA A 149 -12.10 -2.70 -7.14
N SER A 150 -12.54 -1.46 -7.43
CA SER A 150 -13.38 -1.12 -8.59
C SER A 150 -12.62 -1.29 -9.91
N LYS A 151 -11.29 -1.21 -9.86
CA LYS A 151 -10.41 -1.33 -11.03
C LYS A 151 -9.93 -2.78 -11.18
N LYS A 152 -10.43 -3.66 -10.31
CA LYS A 152 -10.17 -5.10 -10.22
C LYS A 152 -8.69 -5.44 -9.96
N PHE A 153 -8.06 -4.67 -9.07
CA PHE A 153 -6.68 -4.89 -8.66
C PHE A 153 -6.76 -5.46 -7.25
N VAL A 154 -5.91 -6.44 -6.94
CA VAL A 154 -5.82 -7.03 -5.59
C VAL A 154 -4.50 -6.51 -5.03
N HIS A 155 -4.53 -5.90 -3.83
CA HIS A 155 -3.31 -5.30 -3.31
C HIS A 155 -2.32 -6.32 -2.76
N ARG A 156 -2.81 -7.22 -1.90
CA ARG A 156 -2.09 -8.34 -1.24
C ARG A 156 -1.13 -7.92 -0.12
N ASP A 157 -0.87 -6.62 0.04
CA ASP A 157 0.06 -6.19 1.08
C ASP A 157 -0.38 -4.91 1.80
N LEU A 158 -1.68 -4.79 2.02
CA LEU A 158 -2.22 -3.62 2.71
C LEU A 158 -1.82 -3.62 4.18
N ALA A 159 -1.14 -2.55 4.62
CA ALA A 159 -0.67 -2.36 5.98
C ALA A 159 -0.34 -0.88 6.13
N ALA A 160 -0.38 -0.38 7.36
CA ALA A 160 -0.11 1.04 7.63
C ALA A 160 1.22 1.53 7.07
N ARG A 161 2.27 0.67 7.11
CA ARG A 161 3.59 1.03 6.61
C ARG A 161 3.57 1.28 5.09
N ASN A 162 2.54 0.75 4.39
CA ASN A 162 2.42 0.92 2.92
C ASN A 162 1.54 2.10 2.48
N CYS A 163 1.15 2.95 3.44
CA CYS A 163 0.33 4.14 3.22
C CYS A 163 1.19 5.31 3.60
N MET A 164 1.02 6.45 2.90
CA MET A 164 1.77 7.67 3.18
C MET A 164 0.83 8.84 3.42
N LEU A 165 1.35 9.93 4.03
CA LEU A 165 0.57 11.13 4.29
C LEU A 165 1.26 12.30 3.62
N ASP A 166 0.50 13.08 2.85
CA ASP A 166 1.03 14.24 2.13
C ASP A 166 0.93 15.50 3.00
N GLU A 167 1.31 16.64 2.44
CA GLU A 167 1.31 17.90 3.19
C GLU A 167 -0.05 18.37 3.72
N LYS A 168 -1.17 17.89 3.13
CA LYS A 168 -2.53 18.26 3.57
C LYS A 168 -3.12 17.14 4.44
N PHE A 169 -2.28 16.20 4.91
CA PHE A 169 -2.70 15.03 5.71
C PHE A 169 -3.60 14.05 4.97
N THR A 170 -3.51 14.03 3.63
CA THR A 170 -4.29 13.09 2.82
C THR A 170 -3.50 11.76 2.89
N VAL A 171 -4.18 10.68 3.25
CA VAL A 171 -3.59 9.36 3.35
C VAL A 171 -3.72 8.73 1.97
N LYS A 172 -2.62 8.16 1.44
CA LYS A 172 -2.65 7.51 0.14
C LYS A 172 -2.08 6.12 0.24
N VAL A 173 -2.77 5.14 -0.33
CA VAL A 173 -2.23 3.74 -0.41
C VAL A 173 -1.04 3.94 -1.37
N ALA A 174 0.19 3.62 -0.92
CA ALA A 174 1.40 4.00 -1.65
C ALA A 174 2.30 2.99 -2.29
N ASP A 175 2.38 1.81 -1.69
CA ASP A 175 3.24 0.75 -2.19
C ASP A 175 2.40 -0.28 -2.92
N PHE A 176 2.83 -0.69 -4.12
CA PHE A 176 2.06 -1.66 -4.91
C PHE A 176 2.96 -2.82 -5.39
N GLY A 177 4.00 -3.08 -4.61
CA GLY A 177 5.00 -4.11 -4.89
C GLY A 177 4.48 -5.52 -5.07
N LEU A 178 3.32 -5.85 -4.47
CA LEU A 178 2.71 -7.18 -4.59
C LEU A 178 1.36 -7.13 -5.29
N ALA A 179 0.89 -5.92 -5.69
CA ALA A 179 -0.41 -5.75 -6.36
C ALA A 179 -0.50 -6.53 -7.66
N ARG A 180 -1.71 -7.02 -7.97
CA ARG A 180 -1.96 -7.80 -9.19
C ARG A 180 -3.29 -7.48 -9.81
N ASP A 181 -3.32 -7.52 -11.16
CA ASP A 181 -4.53 -7.30 -11.94
C ASP A 181 -5.30 -8.61 -11.88
N MET A 182 -6.59 -8.56 -11.53
CA MET A 182 -7.41 -9.77 -11.45
C MET A 182 -8.13 -10.06 -12.76
N TYR A 183 -8.04 -9.13 -13.73
CA TYR A 183 -8.71 -9.20 -15.05
C TYR A 183 -10.21 -9.44 -14.82
N ASP A 184 -10.75 -10.59 -15.26
CA ASP A 184 -12.17 -10.96 -15.09
C ASP A 184 -12.31 -12.22 -14.21
N LYS A 185 -11.19 -12.67 -13.61
CA LYS A 185 -11.08 -13.86 -12.76
C LYS A 185 -11.57 -13.68 -11.31
N GLU A 186 -11.55 -12.43 -10.77
CA GLU A 186 -11.94 -12.07 -9.39
C GLU A 186 -10.96 -12.68 -8.35
N PTR A 187 -9.75 -13.05 -8.79
CA PTR A 187 -8.73 -13.61 -7.92
C PTR A 187 -7.36 -13.58 -8.58
O PTR A 187 -7.25 -13.36 -9.78
CB PTR A 187 -8.97 -15.05 -7.38
CG PTR A 187 -8.72 -16.11 -8.48
CD1 PTR A 187 -9.75 -16.36 -9.38
CD2 PTR A 187 -7.50 -16.79 -8.63
CE1 PTR A 187 -9.60 -17.29 -10.43
CE2 PTR A 187 -7.34 -17.74 -9.68
CZ PTR A 187 -8.39 -18.00 -10.60
OH PTR A 187 -8.37 -18.89 -11.71
P PTR A 187 -7.19 -19.90 -11.84
O1P PTR A 187 -7.18 -20.80 -10.60
O2P PTR A 187 -5.84 -19.18 -12.02
O3P PTR A 187 -7.45 -20.76 -13.09
N PTR A 188 -6.33 -13.82 -7.78
CA PTR A 188 -4.95 -13.91 -8.22
C PTR A 188 -4.37 -15.03 -7.36
O PTR A 188 -4.53 -14.99 -6.15
CB PTR A 188 -4.12 -12.61 -8.08
CG PTR A 188 -2.64 -12.96 -8.31
CD1 PTR A 188 -1.83 -13.26 -7.24
CD2 PTR A 188 -2.11 -13.01 -9.61
CE1 PTR A 188 -0.48 -13.59 -7.44
CE2 PTR A 188 -0.76 -13.34 -9.82
CZ PTR A 188 0.07 -13.65 -8.73
OH PTR A 188 1.38 -14.01 -8.75
P PTR A 188 2.18 -14.20 -10.07
O1P PTR A 188 2.49 -12.88 -10.77
O2P PTR A 188 1.40 -15.07 -11.03
O3P PTR A 188 3.47 -14.86 -9.56
N SER A 189 -3.71 -16.02 -7.99
CA SER A 189 -3.07 -17.15 -7.32
C SER A 189 -1.58 -17.04 -7.56
N VAL A 190 -0.75 -17.31 -6.55
CA VAL A 190 0.71 -17.21 -6.72
C VAL A 190 1.35 -18.31 -7.58
N HIS A 191 2.14 -17.88 -8.57
CA HIS A 191 2.86 -18.76 -9.51
C HIS A 191 4.36 -18.68 -9.20
N ASN A 192 4.97 -17.47 -9.25
CA ASN A 192 6.39 -17.28 -8.94
C ASN A 192 6.58 -17.16 -7.43
N LYS A 197 8.48 -14.30 1.54
CA LYS A 197 8.51 -12.90 1.99
C LYS A 197 7.11 -12.28 2.15
N LEU A 198 6.06 -13.12 2.25
CA LEU A 198 4.66 -12.73 2.39
C LEU A 198 4.34 -12.09 3.76
N PRO A 199 3.49 -11.03 3.80
CA PRO A 199 3.15 -10.39 5.10
C PRO A 199 2.11 -11.22 5.88
N VAL A 200 2.55 -12.34 6.46
CA VAL A 200 1.72 -13.31 7.18
C VAL A 200 0.64 -12.80 8.18
N LYS A 201 1.03 -11.87 9.08
CA LYS A 201 0.10 -11.34 10.10
C LYS A 201 -0.96 -10.36 9.54
N TRP A 202 -0.90 -10.07 8.23
CA TRP A 202 -1.89 -9.20 7.60
C TRP A 202 -2.73 -9.99 6.60
N MET A 203 -2.40 -11.25 6.37
CA MET A 203 -3.06 -12.11 5.38
C MET A 203 -4.31 -12.81 5.85
N ALA A 204 -5.31 -12.91 4.94
CA ALA A 204 -6.56 -13.61 5.23
C ALA A 204 -6.26 -15.10 5.41
N LEU A 205 -7.02 -15.74 6.32
CA LEU A 205 -6.83 -17.16 6.61
C LEU A 205 -6.80 -18.03 5.35
N GLU A 206 -7.74 -17.80 4.41
CA GLU A 206 -7.81 -18.61 3.18
C GLU A 206 -6.61 -18.42 2.27
N SER A 207 -6.02 -17.19 2.27
CA SER A 207 -4.83 -16.88 1.46
C SER A 207 -3.61 -17.57 2.04
N LEU A 208 -3.55 -17.75 3.36
CA LEU A 208 -2.43 -18.42 4.03
C LEU A 208 -2.48 -19.90 3.67
N GLN A 209 -3.70 -20.44 3.52
CA GLN A 209 -3.98 -21.85 3.20
C GLN A 209 -3.90 -22.23 1.71
N THR A 210 -4.36 -21.36 0.81
CA THR A 210 -4.42 -21.63 -0.63
C THR A 210 -3.53 -20.80 -1.52
N GLN A 211 -2.99 -19.66 -1.01
CA GLN A 211 -2.14 -18.75 -1.80
C GLN A 211 -2.93 -18.05 -2.94
N LYS A 212 -4.25 -17.94 -2.75
CA LYS A 212 -5.21 -17.28 -3.65
C LYS A 212 -5.64 -16.00 -2.91
N PHE A 213 -5.64 -14.88 -3.64
CA PHE A 213 -5.96 -13.56 -3.11
C PHE A 213 -7.08 -12.94 -3.91
N THR A 214 -7.95 -12.24 -3.20
CA THR A 214 -9.12 -11.59 -3.76
C THR A 214 -9.33 -10.24 -3.03
N THR A 215 -10.32 -9.46 -3.49
CA THR A 215 -10.67 -8.19 -2.81
C THR A 215 -11.08 -8.51 -1.37
N LYS A 216 -11.76 -9.65 -1.14
CA LYS A 216 -12.16 -10.06 0.21
C LYS A 216 -10.97 -10.37 1.13
N SER A 217 -9.83 -10.85 0.56
CA SER A 217 -8.63 -11.08 1.38
C SER A 217 -7.99 -9.68 1.67
N ASP A 218 -8.18 -8.71 0.77
CA ASP A 218 -7.69 -7.34 1.02
C ASP A 218 -8.52 -6.73 2.17
N VAL A 219 -9.84 -7.08 2.25
CA VAL A 219 -10.73 -6.59 3.32
C VAL A 219 -10.17 -7.08 4.67
N TRP A 220 -9.71 -8.35 4.73
CA TRP A 220 -9.13 -8.89 5.95
C TRP A 220 -7.91 -7.99 6.35
N SER A 221 -6.99 -7.74 5.40
CA SER A 221 -5.79 -6.90 5.62
C SER A 221 -6.22 -5.51 6.08
N PHE A 222 -7.29 -4.96 5.47
CA PHE A 222 -7.81 -3.65 5.88
C PHE A 222 -8.18 -3.63 7.37
N GLY A 223 -8.82 -4.69 7.83
CA GLY A 223 -9.21 -4.84 9.22
C GLY A 223 -7.99 -4.74 10.12
N VAL A 224 -6.88 -5.44 9.73
CA VAL A 224 -5.63 -5.40 10.51
C VAL A 224 -5.07 -3.97 10.46
N LEU A 225 -5.12 -3.31 9.27
CA LEU A 225 -4.66 -1.92 9.17
C LEU A 225 -5.49 -1.01 10.15
N LEU A 226 -6.82 -1.20 10.22
CA LEU A 226 -7.66 -0.43 11.16
C LEU A 226 -7.20 -0.66 12.59
N TRP A 227 -6.84 -1.91 12.94
CA TRP A 227 -6.34 -2.25 14.27
C TRP A 227 -5.00 -1.55 14.51
N GLU A 228 -4.12 -1.49 13.49
CA GLU A 228 -2.84 -0.78 13.63
C GLU A 228 -3.13 0.68 13.92
N LEU A 229 -4.13 1.26 13.23
CA LEU A 229 -4.47 2.66 13.47
C LEU A 229 -4.92 2.90 14.88
N MET A 230 -5.88 2.08 15.34
CA MET A 230 -6.45 2.28 16.66
C MET A 230 -5.51 1.99 17.84
N THR A 231 -4.43 1.22 17.60
CA THR A 231 -3.41 0.91 18.61
C THR A 231 -2.22 1.87 18.46
N ARG A 232 -2.34 2.87 17.58
CA ARG A 232 -1.27 3.82 17.30
C ARG A 232 0.02 3.11 16.84
N GLY A 233 -0.16 2.14 15.94
CA GLY A 233 0.95 1.41 15.32
C GLY A 233 1.60 0.29 16.11
N ALA A 234 0.80 -0.44 16.88
CA ALA A 234 1.34 -1.59 17.62
C ALA A 234 1.49 -2.75 16.63
N PRO A 235 2.45 -3.68 16.85
CA PRO A 235 2.56 -4.82 15.96
C PRO A 235 1.46 -5.86 16.24
N PRO A 236 0.80 -6.41 15.21
CA PRO A 236 -0.27 -7.38 15.48
C PRO A 236 0.25 -8.74 15.96
N TYR A 237 -0.52 -9.42 16.83
CA TYR A 237 -0.22 -10.74 17.38
C TYR A 237 1.26 -10.76 17.86
N PRO A 238 1.70 -9.92 18.83
CA PRO A 238 3.14 -9.91 19.19
C PRO A 238 3.65 -11.19 19.86
N ASP A 239 2.74 -11.94 20.50
CA ASP A 239 3.09 -13.19 21.20
C ASP A 239 2.70 -14.45 20.39
N VAL A 240 2.45 -14.28 19.08
CA VAL A 240 2.11 -15.39 18.18
C VAL A 240 3.20 -15.43 17.12
N ASN A 241 3.82 -16.60 16.93
CA ASN A 241 4.87 -16.73 15.92
C ASN A 241 4.24 -16.74 14.53
N THR A 242 4.95 -16.18 13.53
CA THR A 242 4.52 -16.13 12.13
C THR A 242 4.02 -17.52 11.67
N PHE A 243 4.78 -18.59 11.98
CA PHE A 243 4.43 -19.97 11.63
C PHE A 243 3.19 -20.56 12.33
N ASP A 244 2.75 -19.98 13.48
CA ASP A 244 1.58 -20.45 14.24
C ASP A 244 0.29 -19.67 13.97
N ILE A 245 0.34 -18.67 13.06
CA ILE A 245 -0.80 -17.82 12.75
C ILE A 245 -1.99 -18.57 12.17
N THR A 246 -1.76 -19.50 11.22
CA THR A 246 -2.83 -20.29 10.58
C THR A 246 -3.66 -21.05 11.61
N VAL A 247 -2.98 -21.76 12.56
CA VAL A 247 -3.64 -22.52 13.63
C VAL A 247 -4.41 -21.56 14.52
N TYR A 248 -3.76 -20.48 15.00
CA TYR A 248 -4.34 -19.43 15.84
C TYR A 248 -5.67 -18.93 15.25
N LEU A 249 -5.67 -18.58 13.96
CA LEU A 249 -6.85 -18.07 13.25
C LEU A 249 -7.91 -19.15 13.03
N LEU A 250 -7.49 -20.41 12.76
CA LEU A 250 -8.42 -21.53 12.56
C LEU A 250 -9.16 -21.85 13.86
N GLN A 251 -8.54 -21.51 15.01
CA GLN A 251 -9.12 -21.68 16.34
C GLN A 251 -10.15 -20.59 16.64
N GLY A 252 -10.34 -19.68 15.68
CA GLY A 252 -11.28 -18.58 15.78
C GLY A 252 -10.76 -17.37 16.53
N ARG A 253 -9.49 -17.40 16.98
CA ARG A 253 -8.88 -16.30 17.72
C ARG A 253 -8.58 -15.11 16.79
N ARG A 254 -8.74 -13.89 17.31
CA ARG A 254 -8.57 -12.64 16.58
C ARG A 254 -7.90 -11.58 17.43
N LEU A 255 -7.41 -10.50 16.80
CA LEU A 255 -6.81 -9.36 17.48
C LEU A 255 -7.89 -8.77 18.41
N LEU A 256 -7.50 -8.43 19.64
CA LEU A 256 -8.41 -7.90 20.64
C LEU A 256 -8.69 -6.42 20.48
N GLN A 257 -9.80 -5.96 21.06
CA GLN A 257 -10.17 -4.56 20.96
C GLN A 257 -9.13 -3.61 21.52
N PRO A 258 -8.63 -2.64 20.70
CA PRO A 258 -7.69 -1.66 21.22
C PRO A 258 -8.32 -0.83 22.33
N GLU A 259 -7.51 -0.40 23.29
CA GLU A 259 -7.98 0.39 24.43
C GLU A 259 -8.96 1.57 24.15
N TYR A 260 -8.61 2.49 23.25
CA TYR A 260 -9.51 3.65 23.03
C TYR A 260 -10.46 3.56 21.85
N CYS A 261 -10.51 2.38 21.25
CA CYS A 261 -11.32 2.09 20.09
C CYS A 261 -12.83 2.04 20.35
N PRO A 262 -13.64 2.84 19.62
CA PRO A 262 -15.09 2.78 19.81
C PRO A 262 -15.64 1.36 19.54
N ASP A 263 -16.61 0.90 20.37
CA ASP A 263 -17.16 -0.44 20.15
C ASP A 263 -17.67 -0.67 18.69
N PRO A 264 -18.41 0.23 18.01
CA PRO A 264 -18.84 -0.06 16.62
C PRO A 264 -17.70 -0.24 15.63
N LEU A 265 -16.56 0.45 15.87
CA LEU A 265 -15.38 0.30 14.99
C LEU A 265 -14.71 -1.05 15.22
N TYR A 266 -14.70 -1.56 16.47
CA TYR A 266 -14.14 -2.88 16.72
C TYR A 266 -15.03 -3.95 16.05
N GLU A 267 -16.37 -3.73 16.00
CA GLU A 267 -17.33 -4.62 15.34
C GLU A 267 -16.94 -4.68 13.86
N VAL A 268 -16.59 -3.53 13.26
CA VAL A 268 -16.17 -3.43 11.84
C VAL A 268 -14.92 -4.31 11.62
N MET A 269 -13.90 -4.21 12.50
CA MET A 269 -12.70 -5.04 12.41
C MET A 269 -13.08 -6.53 12.44
N LEU A 270 -13.93 -6.93 13.39
CA LEU A 270 -14.34 -8.33 13.50
C LEU A 270 -14.98 -8.87 12.22
N LYS A 271 -15.79 -8.03 11.55
CA LYS A 271 -16.49 -8.35 10.29
C LYS A 271 -15.48 -8.58 9.20
N CYS A 272 -14.37 -7.81 9.24
CA CYS A 272 -13.31 -7.94 8.24
C CYS A 272 -12.59 -9.29 8.37
N TRP A 273 -12.64 -9.91 9.58
CA TRP A 273 -11.94 -11.17 9.80
C TRP A 273 -12.85 -12.41 9.80
N HIS A 274 -14.06 -12.29 9.22
CA HIS A 274 -14.98 -13.44 9.17
C HIS A 274 -14.26 -14.59 8.42
N PRO A 275 -14.30 -15.85 8.94
CA PRO A 275 -13.63 -16.97 8.23
C PRO A 275 -14.15 -17.24 6.82
N LYS A 276 -15.40 -16.83 6.54
CA LYS A 276 -16.01 -16.97 5.23
C LYS A 276 -15.90 -15.61 4.53
N ALA A 277 -15.03 -15.55 3.50
CA ALA A 277 -14.73 -14.36 2.70
C ALA A 277 -15.97 -13.66 2.17
N GLU A 278 -16.99 -14.44 1.71
CA GLU A 278 -18.23 -13.86 1.17
C GLU A 278 -19.02 -13.05 2.20
N MET A 279 -18.88 -13.40 3.49
CA MET A 279 -19.56 -12.75 4.62
C MET A 279 -18.89 -11.43 5.06
N ARG A 280 -17.66 -11.16 4.57
CA ARG A 280 -16.95 -9.90 4.91
C ARG A 280 -17.59 -8.74 4.17
N PRO A 281 -17.57 -7.51 4.74
CA PRO A 281 -18.17 -6.39 4.02
C PRO A 281 -17.35 -6.04 2.81
N SER A 282 -17.98 -5.38 1.84
CA SER A 282 -17.27 -4.90 0.67
C SER A 282 -16.57 -3.58 1.09
N PHE A 283 -15.65 -3.07 0.27
CA PHE A 283 -15.02 -1.79 0.60
C PHE A 283 -16.03 -0.64 0.52
N SER A 284 -17.03 -0.77 -0.38
CA SER A 284 -18.09 0.25 -0.49
C SER A 284 -18.84 0.26 0.86
N GLU A 285 -19.16 -0.92 1.42
CA GLU A 285 -19.85 -1.04 2.72
C GLU A 285 -18.96 -0.50 3.85
N LEU A 286 -17.63 -0.73 3.77
CA LEU A 286 -16.71 -0.23 4.79
C LEU A 286 -16.67 1.28 4.77
N VAL A 287 -16.69 1.91 3.57
CA VAL A 287 -16.68 3.36 3.46
C VAL A 287 -17.95 3.92 4.13
N SER A 288 -19.13 3.31 3.85
CA SER A 288 -20.38 3.79 4.46
C SER A 288 -20.38 3.65 5.98
N ARG A 289 -19.99 2.49 6.49
CA ARG A 289 -19.96 2.21 7.93
C ARG A 289 -18.98 3.09 8.66
N ILE A 290 -17.73 3.17 8.17
CA ILE A 290 -16.74 4.02 8.81
C ILE A 290 -17.10 5.49 8.73
N SER A 291 -17.69 5.95 7.60
CA SER A 291 -18.11 7.34 7.47
C SER A 291 -19.15 7.67 8.57
N ALA A 292 -20.12 6.77 8.80
CA ALA A 292 -21.14 7.02 9.85
C ALA A 292 -20.51 7.05 11.26
N ILE A 293 -19.53 6.15 11.54
CA ILE A 293 -18.81 6.10 12.84
C ILE A 293 -18.03 7.42 12.99
N PHE A 294 -17.28 7.82 11.93
CA PHE A 294 -16.52 9.06 11.92
C PHE A 294 -17.38 10.30 12.24
N SER A 295 -18.46 10.51 11.48
CA SER A 295 -19.35 11.68 11.63
C SER A 295 -20.09 11.78 12.96
N THR A 296 -20.34 10.64 13.61
CA THR A 296 -21.04 10.58 14.90
C THR A 296 -20.10 10.56 16.12
N PHE A 297 -18.78 10.39 15.90
CA PHE A 297 -17.83 10.41 17.02
C PHE A 297 -17.49 11.87 17.22
N ILE A 298 -17.98 12.47 18.33
CA ILE A 298 -17.76 13.90 18.58
C ILE A 298 -16.62 14.07 19.58
N GLY A 299 -15.43 14.22 19.03
CA GLY A 299 -14.21 14.34 19.82
C GLY A 299 -13.26 15.34 19.18
N GLU A 300 -12.08 15.50 19.77
CA GLU A 300 -11.14 16.45 19.17
C GLU A 300 -10.56 15.89 17.91
N HIS A 301 -10.41 16.74 16.90
CA HIS A 301 -9.97 16.32 15.58
C HIS A 301 -9.23 17.48 14.94
N HIS A 302 -8.11 17.18 14.27
CA HIS A 302 -7.28 18.19 13.62
C HIS A 302 -7.43 18.23 12.10
N HIS A 303 -7.10 17.10 11.44
CA HIS A 303 -7.07 16.91 9.98
C HIS A 303 -8.40 17.03 9.22
N HIS A 304 -8.35 16.94 7.88
CA HIS A 304 -9.49 17.00 6.98
C HIS A 304 -9.63 15.64 6.27
N HIS A 305 -10.70 14.89 6.63
CA HIS A 305 -10.98 13.54 6.09
C HIS A 305 -12.16 13.51 5.13
C Q6W B . 8.42 7.97 0.74
N Q6W B . 7.42 10.10 0.26
O Q6W B . 9.87 6.19 0.79
C1 Q6W B . 7.62 8.81 -0.04
C2 Q6W B . 6.90 8.43 -1.23
C3 Q6W B . 6.52 7.20 -1.64
C4 Q6W B . 6.77 5.87 -1.17
C5 Q6W B . 7.84 5.58 -0.19
C6 Q6W B . 8.75 6.58 0.46
C7 Q6W B . 9.00 8.49 1.89
C8 Q6W B . 8.78 9.81 2.22
C9 Q6W B . 8.02 10.58 1.36
C10 Q6W B . 6.09 4.82 -1.64
C11 Q6W B . 6.35 3.46 -1.24
C12 Q6W B . 7.33 3.16 -0.38
C13 Q6W B . 8.18 4.19 0.19
C14 Q6W B . 9.34 10.36 3.44
C15 Q6W B . 7.69 1.81 0.12
C16 Q6W B . 7.09 1.56 1.49
C17 Q6W B . 7.88 2.17 2.64
N18 Q6W B . 7.17 2.06 3.82
O19 Q6W B . 8.99 2.68 2.54
C20 Q6W B . 9.03 11.60 3.97
N21 Q6W B . 9.72 11.68 5.15
N22 Q6W B . 10.42 10.57 5.44
C23 Q6W B . 10.19 9.76 4.39
C24 Q6W B . 9.72 12.79 6.09
C25 Q6W B . 11.13 13.32 6.30
C26 Q6W B . 11.19 14.33 7.43
N27 Q6W B . 10.62 13.69 8.65
C28 Q6W B . 9.19 13.32 8.49
C29 Q6W B . 9.14 12.29 7.39
C30 Q6W B . 7.75 2.38 5.10
C31 Q6W B . 8.41 1.21 5.75
N32 Q6W B . 8.17 1.04 7.07
C33 Q6W B . 8.76 -0.01 7.66
C34 Q6W B . 9.57 -0.92 7.01
C35 Q6W B . 9.80 -0.72 5.66
C36 Q6W B . 9.21 0.35 5.03
#